data_6RYW
#
_entry.id   6RYW
#
_cell.length_a   171.407
_cell.length_b   171.407
_cell.length_c   171.407
_cell.angle_alpha   90.000
_cell.angle_beta   90.000
_cell.angle_gamma   90.000
#
_symmetry.space_group_name_H-M   'I 2 3'
#
loop_
_entity.id
_entity.type
_entity.pdbx_description
1 polymer 'Kelch domain-containing protein'
2 non-polymer 'TRIETHYLENE GLYCOL'
3 non-polymer 'COPPER (II) ION'
4 water water
#
_entity_poly.entity_id   1
_entity_poly.type   'polypeptide(L)'
_entity_poly.pdbx_seq_one_letter_code
;EFAITSCPNNETVWETPIGVKYTLCPGSDYQNGGASLQTVRDIQSSLECAKICDSDARCNRAVYDNVNKACDVKNSTNPM
QWAADDRFETIRLTNDLPEGAFISTCSFNETSYRVPETNAEYRICPDTDYTGVNAKVVEGVTTIQACAELCSNTQDCRKS
VFDHINNACAIKAAEPATSIFWVQDKQFSTIRLPENIDPAVKGKWGDLIRLPVIPVAAYIVPSYPEPSRLLFFSSWSNDA
FSGASGMTQFGDYDFATGAISQRTVTNTHHDMFCPGISQLEDGRILIQGGSDADTVSIYDPATNEFTRGPNMTLARGYQT
SCTLSNGKVFTIGGAFSGERVGKNGEVYDPVANAWTYLPGADFRPMLTNDHEGIWREDNHAWLFGWKNGSIFQAGPSKDQ
HWYGIQGNGTVAKAATRDDDDAMCGVWVMYDAVAGKIFSAGGSPDYTDSPATQRAHITTIGEPNTPAEVERVADMGFPRG
FANAVVLPDGQVLVTGGQRMSLVFTNTDGILVAELFNPETREWKQMAPMAVPRNYHSVSILLPDATVFSGGGGMCWVQNV
GDSTAGCDKTVDHSDGEIFEPPYLFNEDGSRAARPVISAISADPIKAGATLTFTVEGVEGQGTAALIRLGSVTHSVNSDQ
RRVPLNVTVSGNEYSATLPDDYGILLPGYYYLFVSTPQGTPSIAKTVHVILGLEQKLISEEDLNSAVDHHHHHH
;
_entity_poly.pdbx_strand_id   A
#
loop_
_chem_comp.id
_chem_comp.type
_chem_comp.name
_chem_comp.formula
CU non-polymer 'COPPER (II) ION' 'Cu 2'
PGE non-polymer 'TRIETHYLENE GLYCOL' 'C6 H14 O4'
#
# COMPACT_ATOMS: atom_id res chain seq x y z
N THR A 12 -37.90 -11.85 5.31
CA THR A 12 -37.85 -11.62 3.83
C THR A 12 -37.42 -10.19 3.51
N VAL A 13 -36.93 -9.97 2.29
CA VAL A 13 -36.33 -8.70 1.80
C VAL A 13 -36.99 -8.31 0.48
N TRP A 14 -37.71 -7.18 0.45
CA TRP A 14 -38.38 -6.60 -0.75
C TRP A 14 -37.40 -5.71 -1.52
N GLU A 15 -36.71 -6.26 -2.52
CA GLU A 15 -35.82 -5.55 -3.48
C GLU A 15 -36.63 -4.48 -4.25
N THR A 16 -35.98 -3.36 -4.59
CA THR A 16 -36.58 -2.23 -5.35
C THR A 16 -36.51 -2.59 -6.82
N PRO A 17 -37.18 -1.83 -7.71
CA PRO A 17 -37.12 -2.07 -9.16
C PRO A 17 -35.77 -1.68 -9.76
N GLY A 19 -32.28 -1.38 -7.34
CA GLY A 19 -31.64 -2.54 -6.68
C GLY A 19 -31.60 -2.40 -5.17
N VAL A 20 -32.45 -1.55 -4.58
CA VAL A 20 -32.48 -1.26 -3.11
C VAL A 20 -33.05 -2.50 -2.40
N LYS A 21 -33.15 -2.52 -1.07
CA LYS A 21 -33.63 -3.73 -0.33
C LYS A 21 -33.99 -3.35 1.10
N TYR A 22 -35.27 -3.48 1.46
CA TYR A 22 -35.81 -3.29 2.83
C TYR A 22 -36.00 -4.66 3.48
N THR A 23 -36.23 -4.72 4.79
CA THR A 23 -36.46 -5.99 5.55
C THR A 23 -37.35 -5.70 6.76
N LEU A 47 -45.19 -4.84 2.74
CA LEU A 47 -44.56 -4.48 1.43
C LEU A 47 -45.24 -3.22 0.91
N GLU A 48 -46.09 -2.60 1.75
CA GLU A 48 -46.87 -1.39 1.40
C GLU A 48 -46.15 -0.15 1.97
N CYS A 49 -45.73 -0.20 3.24
CA CYS A 49 -44.91 0.88 3.90
C CYS A 49 -43.52 0.93 3.22
N ALA A 50 -43.00 -0.20 2.73
CA ALA A 50 -41.69 -0.32 2.04
C ALA A 50 -41.66 0.57 0.80
N LYS A 51 -42.72 0.53 -0.02
CA LYS A 51 -42.88 1.36 -1.25
C LYS A 51 -42.98 2.85 -0.86
N ILE A 52 -43.58 3.11 0.31
CA ILE A 52 -43.78 4.45 0.93
C ILE A 52 -42.42 4.97 1.42
N CYS A 53 -41.75 4.15 2.25
CA CYS A 53 -40.37 4.38 2.79
C CYS A 53 -39.44 4.69 1.60
N ASP A 54 -39.42 3.86 0.55
CA ASP A 54 -38.54 4.08 -0.62
C ASP A 54 -38.95 5.30 -1.45
N SER A 55 -40.04 6.00 -1.07
CA SER A 55 -40.40 7.34 -1.62
C SER A 55 -39.59 8.40 -0.87
N ASP A 56 -39.69 8.40 0.47
CA ASP A 56 -39.07 9.39 1.39
C ASP A 56 -37.56 9.13 1.51
N ALA A 57 -36.73 10.10 1.09
CA ALA A 57 -35.24 9.99 1.09
C ALA A 57 -34.69 10.02 2.52
N ARG A 58 -35.54 10.31 3.53
CA ARG A 58 -35.15 10.43 4.95
C ARG A 58 -35.41 9.13 5.72
N CYS A 59 -35.96 8.08 5.09
CA CYS A 59 -36.47 6.85 5.77
C CYS A 59 -35.41 5.75 5.78
N ASN A 60 -34.87 5.41 6.95
CA ASN A 60 -33.96 4.25 7.19
C ASN A 60 -34.79 3.14 7.85
N ARG A 61 -35.47 3.48 8.96
CA ARG A 61 -36.36 2.59 9.75
C ARG A 61 -37.72 3.29 9.96
N LEU A 93 -34.22 -0.55 5.91
CA LEU A 93 -33.29 -0.51 4.74
C LEU A 93 -32.07 -1.41 5.01
N THR A 94 -31.75 -2.28 4.05
CA THR A 94 -30.80 -3.41 4.20
C THR A 94 -30.27 -3.80 2.81
N ASN A 95 -29.60 -2.84 2.16
CA ASN A 95 -28.78 -3.01 0.91
C ASN A 95 -27.46 -3.72 1.26
N ASP A 96 -26.73 -4.20 0.25
CA ASP A 96 -25.47 -4.98 0.44
C ASP A 96 -24.55 -4.17 1.37
N LEU A 97 -23.97 -3.07 0.85
CA LEU A 97 -23.14 -2.09 1.60
C LEU A 97 -24.07 -1.13 2.32
N PRO A 98 -23.76 -0.65 3.56
CA PRO A 98 -24.61 0.30 4.26
C PRO A 98 -24.52 1.80 3.87
N GLU A 99 -25.44 2.62 4.36
CA GLU A 99 -25.36 4.08 4.17
C GLU A 99 -23.98 4.50 4.67
N GLY A 100 -23.25 5.33 3.92
CA GLY A 100 -21.92 5.82 4.29
C GLY A 100 -20.82 5.16 3.48
N ALA A 101 -21.10 3.96 2.95
CA ALA A 101 -20.07 3.09 2.33
C ALA A 101 -19.55 3.77 1.06
N PHE A 102 -18.24 3.78 0.88
CA PHE A 102 -17.56 4.34 -0.31
C PHE A 102 -17.80 3.33 -1.43
N ILE A 103 -17.78 3.79 -2.67
CA ILE A 103 -18.12 2.93 -3.83
C ILE A 103 -17.21 3.31 -4.99
N SER A 104 -16.96 2.33 -5.87
CA SER A 104 -16.20 2.41 -7.14
C SER A 104 -17.18 2.40 -8.33
N THR A 105 -18.45 2.10 -8.06
CA THR A 105 -19.46 1.79 -9.10
C THR A 105 -20.84 1.93 -8.45
N CYS A 106 -21.83 2.36 -9.22
CA CYS A 106 -23.22 2.53 -8.76
C CYS A 106 -23.71 1.18 -8.26
N SER A 107 -23.99 1.05 -6.97
CA SER A 107 -24.48 -0.21 -6.35
C SER A 107 -25.85 -0.56 -6.95
N PHE A 108 -26.55 0.45 -7.46
CA PHE A 108 -27.95 0.46 -7.95
C PHE A 108 -27.98 0.62 -9.47
N ASN A 109 -29.18 0.65 -10.06
CA ASN A 109 -29.31 0.74 -11.54
C ASN A 109 -29.16 2.21 -11.94
N GLU A 110 -28.13 2.49 -12.72
CA GLU A 110 -27.87 3.80 -13.35
C GLU A 110 -28.94 4.08 -14.41
N THR A 111 -29.26 5.36 -14.61
CA THR A 111 -30.03 5.95 -15.74
C THR A 111 -29.08 6.80 -16.58
N SER A 112 -29.37 7.02 -17.86
CA SER A 112 -28.76 8.13 -18.66
C SER A 112 -29.76 9.29 -18.69
N TYR A 113 -29.37 10.45 -19.22
CA TYR A 113 -30.21 11.67 -19.36
C TYR A 113 -29.43 12.74 -20.14
N ARG A 114 -30.06 13.23 -21.20
CA ARG A 114 -29.53 14.29 -22.11
C ARG A 114 -30.25 15.60 -21.78
N VAL A 115 -29.55 16.73 -21.95
CA VAL A 115 -30.10 18.12 -21.92
C VAL A 115 -29.89 18.74 -23.30
N PRO A 116 -30.95 19.22 -23.99
CA PRO A 116 -30.88 19.71 -25.38
C PRO A 116 -29.53 20.20 -25.95
N GLU A 117 -28.47 19.39 -25.79
CA GLU A 117 -27.05 19.71 -26.11
C GLU A 117 -26.34 18.41 -26.48
N THR A 118 -25.19 18.12 -25.84
CA THR A 118 -24.41 16.86 -25.98
C THR A 118 -24.22 16.22 -24.60
N GLU A 121 -25.70 14.76 -22.04
CA GLU A 121 -25.37 13.30 -21.93
C GLU A 121 -24.76 13.00 -20.55
N TYR A 122 -25.59 12.73 -19.53
CA TYR A 122 -25.19 12.52 -18.10
C TYR A 122 -25.70 11.15 -17.62
N ARG A 123 -24.85 10.41 -16.89
CA ARG A 123 -25.20 9.15 -16.20
C ARG A 123 -25.56 9.55 -14.76
N ILE A 124 -26.72 9.10 -14.26
CA ILE A 124 -27.30 9.40 -12.91
C ILE A 124 -27.20 8.09 -12.13
N CYS A 125 -26.93 8.15 -10.83
CA CYS A 125 -26.87 6.99 -9.91
C CYS A 125 -27.63 7.35 -8.64
N PRO A 126 -28.82 6.78 -8.38
CA PRO A 126 -29.60 7.19 -7.21
C PRO A 126 -29.03 6.71 -5.87
N ASP A 127 -29.33 7.45 -4.81
CA ASP A 127 -29.08 7.06 -3.40
C ASP A 127 -27.57 7.12 -3.11
N THR A 128 -26.85 7.97 -3.86
CA THR A 128 -25.37 8.12 -3.78
C THR A 128 -25.02 9.61 -3.72
N ASP A 129 -24.05 9.95 -2.87
CA ASP A 129 -23.54 11.33 -2.72
C ASP A 129 -22.09 11.42 -3.25
N TYR A 130 -21.72 12.59 -3.74
CA TYR A 130 -20.32 13.00 -4.00
C TYR A 130 -19.91 13.96 -2.89
N THR A 131 -19.07 13.53 -1.94
CA THR A 131 -18.55 14.33 -0.79
C THR A 131 -17.34 15.16 -1.27
N GLY A 132 -17.14 16.35 -0.69
CA GLY A 132 -16.00 17.24 -1.02
C GLY A 132 -16.43 18.67 -1.29
N VAL A 133 -15.46 19.59 -1.33
CA VAL A 133 -15.52 20.99 -1.81
C VAL A 133 -16.43 21.05 -3.05
N ASN A 134 -17.50 21.83 -2.95
CA ASN A 134 -18.42 22.20 -4.06
C ASN A 134 -17.97 23.50 -4.72
N ALA A 135 -18.08 23.60 -6.05
CA ALA A 135 -17.89 24.87 -6.81
C ALA A 135 -19.11 25.75 -6.56
N LYS A 136 -20.30 25.13 -6.44
CA LYS A 136 -21.60 25.83 -6.21
C LYS A 136 -22.59 24.93 -5.45
N VAL A 137 -23.45 25.51 -4.61
CA VAL A 137 -24.69 24.88 -4.07
C VAL A 137 -25.85 25.87 -4.31
N VAL A 138 -26.92 25.43 -5.02
CA VAL A 138 -28.07 26.26 -5.48
C VAL A 138 -29.37 25.64 -4.94
N GLU A 139 -30.23 26.41 -4.26
CA GLU A 139 -31.27 25.88 -3.34
C GLU A 139 -32.65 25.72 -4.01
N GLY A 140 -32.84 26.12 -5.27
CA GLY A 140 -34.22 26.23 -5.80
C GLY A 140 -34.58 25.19 -6.85
N VAL A 141 -34.09 23.95 -6.71
CA VAL A 141 -34.02 22.93 -7.81
C VAL A 141 -34.71 21.65 -7.31
N THR A 142 -35.87 21.28 -7.88
CA THR A 142 -36.83 20.24 -7.35
C THR A 142 -36.71 18.89 -8.09
N THR A 143 -35.98 18.82 -9.22
CA THR A 143 -35.85 17.62 -10.09
C THR A 143 -34.36 17.31 -10.38
N ILE A 144 -33.99 16.01 -10.43
CA ILE A 144 -32.68 15.55 -10.98
C ILE A 144 -32.49 16.23 -12.34
N GLN A 145 -33.57 16.39 -13.12
CA GLN A 145 -33.50 17.01 -14.48
C GLN A 145 -33.00 18.46 -14.39
N ALA A 146 -33.54 19.29 -13.48
CA ALA A 146 -33.15 20.71 -13.33
C ALA A 146 -31.68 20.80 -12.85
N CYS A 147 -31.24 19.79 -12.07
CA CYS A 147 -29.88 19.70 -11.49
C CYS A 147 -28.90 19.36 -12.63
N ALA A 148 -29.32 18.48 -13.54
CA ALA A 148 -28.60 18.13 -14.79
C ALA A 148 -28.36 19.40 -15.60
N GLU A 149 -29.37 20.27 -15.69
CA GLU A 149 -29.31 21.56 -16.46
C GLU A 149 -28.29 22.53 -15.82
N LEU A 150 -28.27 22.75 -14.48
CA LEU A 150 -27.30 23.70 -13.87
C LEU A 150 -25.89 23.17 -14.20
N CYS A 151 -25.70 21.84 -14.11
CA CYS A 151 -24.39 21.20 -14.45
C CYS A 151 -24.09 21.47 -15.94
N SER A 152 -25.06 21.27 -16.83
CA SER A 152 -24.91 21.52 -18.29
C SER A 152 -24.51 22.98 -18.50
N ASN A 153 -25.08 23.91 -17.71
CA ASN A 153 -24.90 25.39 -17.88
C ASN A 153 -23.74 25.94 -17.04
N THR A 154 -22.97 25.09 -16.35
CA THR A 154 -21.84 25.50 -15.44
C THR A 154 -20.50 25.00 -15.99
N GLN A 155 -19.61 25.92 -16.35
CA GLN A 155 -18.32 25.63 -17.02
C GLN A 155 -17.56 24.62 -16.15
N ASP A 156 -16.94 23.64 -16.80
CA ASP A 156 -16.03 22.63 -16.15
C ASP A 156 -16.79 21.80 -15.08
N CYS A 157 -18.12 21.62 -15.19
CA CYS A 157 -18.91 20.72 -14.31
C CYS A 157 -18.87 19.29 -14.84
N ARG A 158 -18.13 18.38 -14.18
CA ARG A 158 -18.09 16.93 -14.49
C ARG A 158 -19.03 16.17 -13.53
N LYS A 159 -19.40 16.75 -12.39
CA LYS A 159 -20.03 16.01 -11.25
C LYS A 159 -20.93 16.98 -10.46
N SER A 160 -22.22 16.64 -10.33
CA SER A 160 -23.22 17.35 -9.50
C SER A 160 -23.97 16.36 -8.62
N VAL A 161 -24.64 16.87 -7.59
CA VAL A 161 -25.40 16.10 -6.57
C VAL A 161 -26.75 16.76 -6.41
N PHE A 162 -27.83 15.99 -6.58
CA PHE A 162 -29.21 16.42 -6.29
C PHE A 162 -29.58 15.96 -4.87
N ASP A 163 -29.91 16.93 -4.01
CA ASP A 163 -30.37 16.68 -2.61
C ASP A 163 -31.90 16.56 -2.60
N HIS A 164 -32.38 15.35 -2.29
CA HIS A 164 -33.80 14.91 -2.38
C HIS A 164 -34.65 15.59 -1.29
N ILE A 165 -34.15 15.69 -0.07
CA ILE A 165 -34.91 16.20 1.11
C ILE A 165 -35.01 17.74 1.07
N ASN A 166 -34.13 18.46 0.33
CA ASN A 166 -34.00 19.95 0.43
C ASN A 166 -34.14 20.68 -0.92
N ASN A 167 -34.17 19.93 -2.03
CA ASN A 167 -34.33 20.50 -3.39
C ASN A 167 -33.19 21.51 -3.61
N ALA A 168 -31.94 21.02 -3.56
CA ALA A 168 -30.69 21.76 -3.83
C ALA A 168 -29.85 20.93 -4.78
N CYS A 169 -29.05 21.62 -5.59
CA CYS A 169 -28.16 21.00 -6.60
C CYS A 169 -26.72 21.45 -6.31
N ALA A 170 -25.86 20.55 -5.83
CA ALA A 170 -24.42 20.83 -5.61
C ALA A 170 -23.62 20.48 -6.88
N ILE A 171 -22.82 21.42 -7.37
CA ILE A 171 -21.80 21.18 -8.43
C ILE A 171 -20.50 20.94 -7.67
N LYS A 172 -19.87 19.80 -7.92
CA LYS A 172 -18.57 19.46 -7.31
C LYS A 172 -17.49 20.33 -7.98
N ALA A 173 -16.39 20.53 -7.26
CA ALA A 173 -15.25 21.34 -7.75
C ALA A 173 -14.31 20.43 -8.56
N ALA A 174 -13.36 21.06 -9.24
CA ALA A 174 -12.52 20.45 -10.30
C ALA A 174 -11.62 19.40 -9.65
N GLU A 175 -11.45 18.27 -10.34
CA GLU A 175 -10.54 17.16 -9.94
C GLU A 175 -9.31 17.24 -10.85
N PRO A 176 -8.11 16.84 -10.40
CA PRO A 176 -7.90 16.33 -9.04
C PRO A 176 -7.50 17.36 -7.97
N ALA A 177 -7.60 18.66 -8.27
CA ALA A 177 -7.25 19.72 -7.30
C ALA A 177 -8.01 19.43 -5.99
N THR A 178 -9.27 19.03 -6.15
CA THR A 178 -10.22 18.64 -5.08
C THR A 178 -10.23 17.10 -5.03
N SER A 179 -10.48 16.51 -3.86
CA SER A 179 -10.74 15.06 -3.65
C SER A 179 -12.26 14.85 -3.51
N ILE A 180 -12.89 14.14 -4.46
CA ILE A 180 -14.35 13.83 -4.48
C ILE A 180 -14.49 12.36 -4.19
N PHE A 181 -15.38 12.00 -3.25
CA PHE A 181 -15.63 10.59 -2.86
C PHE A 181 -17.07 10.26 -3.24
N TRP A 182 -17.28 9.02 -3.71
CA TRP A 182 -18.61 8.41 -3.95
C TRP A 182 -19.06 7.63 -2.71
N VAL A 183 -19.95 8.19 -1.89
CA VAL A 183 -20.54 7.49 -0.71
C VAL A 183 -21.98 7.08 -1.07
N GLN A 184 -22.56 6.15 -0.31
CA GLN A 184 -23.96 5.66 -0.42
C GLN A 184 -24.79 6.40 0.64
N ASP A 185 -25.85 7.10 0.18
CA ASP A 185 -26.73 7.98 1.02
C ASP A 185 -28.05 8.17 0.28
N LYS A 186 -29.20 7.77 0.86
CA LYS A 186 -30.51 7.73 0.13
C LYS A 186 -31.05 9.16 -0.02
N GLN A 187 -30.54 10.09 0.80
CA GLN A 187 -30.89 11.54 0.75
C GLN A 187 -30.43 12.15 -0.58
N PHE A 188 -29.51 11.55 -1.35
CA PHE A 188 -28.90 12.20 -2.54
C PHE A 188 -28.94 11.31 -3.76
N SER A 189 -28.64 11.91 -4.91
CA SER A 189 -28.39 11.24 -6.21
C SER A 189 -27.23 11.96 -6.90
N THR A 190 -26.33 11.20 -7.51
CA THR A 190 -25.11 11.71 -8.17
C THR A 190 -25.38 11.74 -9.66
N ILE A 191 -24.80 12.72 -10.33
CA ILE A 191 -24.90 12.96 -11.80
C ILE A 191 -23.46 13.23 -12.24
N ARG A 192 -23.01 12.69 -13.37
CA ARG A 192 -21.62 12.87 -13.89
C ARG A 192 -21.64 12.79 -15.43
N LEU A 193 -20.73 13.51 -16.09
CA LEU A 193 -20.46 13.39 -17.54
C LEU A 193 -19.39 12.32 -17.67
N PRO A 194 -19.64 11.20 -18.38
CA PRO A 194 -18.77 10.02 -18.31
C PRO A 194 -17.31 10.33 -18.68
N GLU A 195 -16.38 9.92 -17.82
CA GLU A 195 -14.92 10.00 -18.09
C GLU A 195 -14.57 8.96 -19.18
N ASN A 196 -13.67 9.33 -20.09
CA ASN A 196 -13.01 8.44 -21.07
C ASN A 196 -11.55 8.26 -20.61
N ILE A 197 -11.27 7.24 -19.78
CA ILE A 197 -9.89 6.89 -19.32
C ILE A 197 -9.29 5.85 -20.28
N ASP A 198 -8.23 6.21 -21.02
CA ASP A 198 -7.41 5.28 -21.86
C ASP A 198 -6.44 4.51 -20.96
N PRO A 199 -6.66 3.19 -20.75
CA PRO A 199 -5.89 2.40 -19.78
C PRO A 199 -4.48 2.10 -20.31
N ALA A 200 -4.27 2.26 -21.61
CA ALA A 200 -2.94 2.30 -22.26
C ALA A 200 -2.09 3.47 -21.74
N VAL A 201 -2.69 4.55 -21.25
CA VAL A 201 -1.91 5.70 -20.72
C VAL A 201 -2.01 5.75 -19.20
N LYS A 202 -3.19 5.49 -18.62
CA LYS A 202 -3.50 5.79 -17.19
C LYS A 202 -3.76 4.49 -16.39
N GLY A 203 -3.57 3.30 -16.96
CA GLY A 203 -3.93 2.06 -16.27
C GLY A 203 -5.43 2.02 -16.01
N LYS A 204 -5.92 1.08 -15.18
CA LYS A 204 -7.36 0.87 -14.88
C LYS A 204 -7.48 0.22 -13.49
N TRP A 205 -8.41 0.72 -12.68
CA TRP A 205 -8.72 0.24 -11.30
C TRP A 205 -9.92 -0.67 -11.40
N GLY A 206 -9.98 -1.68 -10.53
CA GLY A 206 -11.18 -2.50 -10.33
C GLY A 206 -12.02 -1.98 -9.19
N ASP A 207 -13.12 -2.67 -8.90
CA ASP A 207 -14.15 -2.23 -7.93
C ASP A 207 -13.67 -2.60 -6.53
N LEU A 208 -14.13 -1.88 -5.52
CA LEU A 208 -13.78 -2.16 -4.11
C LEU A 208 -14.06 -3.63 -3.78
N ILE A 209 -13.03 -4.33 -3.31
CA ILE A 209 -13.06 -5.68 -2.69
C ILE A 209 -13.25 -5.51 -1.18
N ARG A 210 -14.38 -5.93 -0.64
CA ARG A 210 -14.70 -5.75 0.78
C ARG A 210 -14.01 -6.89 1.54
N LEU A 211 -13.70 -6.65 2.81
CA LEU A 211 -12.74 -7.45 3.60
C LEU A 211 -13.21 -7.42 5.04
N PRO A 212 -13.06 -8.51 5.80
CA PRO A 212 -13.56 -8.53 7.17
C PRO A 212 -12.75 -7.66 8.14
N VAL A 213 -11.57 -7.22 7.72
CA VAL A 213 -10.53 -6.64 8.61
C VAL A 213 -9.90 -5.50 7.82
N ILE A 214 -9.74 -4.34 8.45
CA ILE A 214 -8.99 -3.22 7.79
C ILE A 214 -7.56 -3.70 7.55
N PRO A 215 -7.09 -3.75 6.29
CA PRO A 215 -5.74 -4.22 6.00
C PRO A 215 -4.66 -3.19 6.37
N VAL A 216 -4.43 -2.98 7.66
CA VAL A 216 -3.44 -2.01 8.21
C VAL A 216 -2.01 -2.55 8.06
N ALA A 217 -1.85 -3.88 8.08
CA ALA A 217 -0.58 -4.55 7.67
C ALA A 217 -0.87 -5.74 6.75
N ALA A 218 -0.01 -5.99 5.78
CA ALA A 218 -0.26 -7.01 4.75
C ALA A 218 1.05 -7.65 4.29
N TYR A 219 0.99 -8.90 3.86
CA TYR A 219 2.13 -9.60 3.22
C TYR A 219 1.66 -10.75 2.32
N ILE A 220 2.34 -10.90 1.19
CA ILE A 220 2.12 -12.06 0.29
C ILE A 220 2.62 -13.30 1.04
N VAL A 221 1.93 -14.43 0.85
CA VAL A 221 2.31 -15.75 1.42
C VAL A 221 3.16 -16.45 0.37
N PRO A 222 4.46 -16.73 0.63
CA PRO A 222 5.29 -17.46 -0.32
C PRO A 222 4.66 -18.84 -0.60
N SER A 223 4.58 -19.21 -1.87
CA SER A 223 3.96 -20.48 -2.34
C SER A 223 4.41 -20.72 -3.78
N TYR A 224 4.34 -21.98 -4.19
CA TYR A 224 4.71 -22.51 -5.54
C TYR A 224 3.41 -22.95 -6.20
N PRO A 225 3.26 -22.83 -7.55
CA PRO A 225 4.31 -22.32 -8.43
C PRO A 225 4.47 -20.78 -8.38
N GLU A 226 3.45 -20.11 -7.82
CA GLU A 226 3.42 -18.65 -7.52
C GLU A 226 2.44 -18.46 -6.38
N PRO A 227 2.56 -17.34 -5.61
CA PRO A 227 1.69 -17.09 -4.47
C PRO A 227 0.27 -16.79 -4.96
N SER A 228 -0.74 -17.07 -4.14
CA SER A 228 -2.19 -16.93 -4.41
C SER A 228 -2.90 -16.20 -3.25
N ARG A 229 -2.21 -15.91 -2.14
CA ARG A 229 -2.86 -15.46 -0.89
C ARG A 229 -2.17 -14.21 -0.35
N LEU A 230 -2.98 -13.26 0.14
CA LEU A 230 -2.54 -12.01 0.83
C LEU A 230 -3.08 -12.05 2.27
N LEU A 231 -2.23 -12.37 3.22
CA LEU A 231 -2.57 -12.18 4.65
C LEU A 231 -2.53 -10.68 4.94
N PHE A 232 -3.41 -10.23 5.81
CA PHE A 232 -3.42 -8.87 6.35
C PHE A 232 -4.00 -8.92 7.74
N PHE A 233 -3.69 -7.93 8.57
CA PHE A 233 -4.12 -7.89 9.99
C PHE A 233 -4.22 -6.46 10.46
N SER A 234 -4.92 -6.25 11.57
CA SER A 234 -5.27 -4.92 12.13
C SER A 234 -4.81 -4.89 13.59
N SER A 235 -5.70 -5.26 14.51
CA SER A 235 -5.42 -5.27 15.96
C SER A 235 -6.39 -6.25 16.62
N TRP A 236 -6.50 -6.18 17.95
CA TRP A 236 -7.45 -6.97 18.76
C TRP A 236 -8.83 -6.96 18.10
N SER A 237 -9.29 -5.78 17.64
CA SER A 237 -10.53 -5.58 16.87
C SER A 237 -10.24 -5.47 15.36
N ASN A 238 -11.27 -5.66 14.51
CA ASN A 238 -11.18 -5.57 13.02
C ASN A 238 -11.04 -4.10 12.56
N ASP A 239 -11.43 -3.13 13.40
CA ASP A 239 -11.48 -1.69 13.05
C ASP A 239 -10.95 -0.80 14.20
N ALA A 240 -10.36 -1.37 15.26
CA ALA A 240 -9.92 -0.58 16.44
C ALA A 240 -8.67 -1.19 17.09
N PHE A 241 -8.01 -0.42 17.95
CA PHE A 241 -6.75 -0.79 18.65
C PHE A 241 -6.76 -0.12 20.02
N SER A 242 -6.02 -0.68 20.98
CA SER A 242 -5.87 -0.15 22.36
C SER A 242 -4.39 -0.12 22.68
N GLY A 243 -3.97 -0.95 23.65
CA GLY A 243 -2.57 -1.26 23.97
C GLY A 243 -2.34 -2.76 23.93
N ALA A 244 -1.53 -3.28 24.85
CA ALA A 244 -1.27 -4.73 25.01
C ALA A 244 -2.63 -5.45 25.08
N SER A 245 -2.83 -6.46 24.24
CA SER A 245 -4.11 -7.21 24.20
C SER A 245 -3.80 -8.70 24.17
N GLY A 246 -2.76 -9.11 23.45
CA GLY A 246 -2.36 -10.51 23.23
C GLY A 246 -3.15 -11.19 22.12
N MET A 247 -3.98 -10.48 21.37
CA MET A 247 -4.67 -11.06 20.19
C MET A 247 -4.63 -10.11 18.98
N THR A 248 -4.71 -10.68 17.78
CA THR A 248 -4.64 -9.98 16.48
C THR A 248 -5.66 -10.57 15.48
N GLN A 249 -6.49 -9.73 14.87
CA GLN A 249 -7.48 -10.13 13.84
C GLN A 249 -6.77 -10.14 12.50
N PHE A 250 -6.83 -11.28 11.82
CA PHE A 250 -6.17 -11.55 10.51
C PHE A 250 -7.22 -11.85 9.45
N GLY A 251 -6.97 -11.38 8.24
CA GLY A 251 -7.78 -11.65 7.04
C GLY A 251 -6.97 -12.49 6.07
N ASP A 252 -7.61 -13.45 5.42
CA ASP A 252 -6.96 -14.33 4.42
C ASP A 252 -7.70 -14.04 3.13
N TYR A 253 -6.97 -13.78 2.05
CA TYR A 253 -7.56 -13.40 0.75
C TYR A 253 -6.80 -14.11 -0.34
N ASP A 254 -7.40 -15.19 -0.84
CA ASP A 254 -6.97 -15.88 -2.09
C ASP A 254 -7.45 -15.00 -3.24
N PHE A 255 -6.53 -14.34 -3.95
CA PHE A 255 -6.82 -13.47 -5.13
C PHE A 255 -6.70 -14.27 -6.44
N ALA A 256 -6.46 -15.59 -6.36
CA ALA A 256 -6.58 -16.51 -7.52
C ALA A 256 -8.04 -16.94 -7.65
N THR A 257 -8.75 -16.97 -6.53
CA THR A 257 -10.13 -17.51 -6.39
C THR A 257 -11.12 -16.43 -5.96
N GLY A 258 -10.67 -15.37 -5.26
CA GLY A 258 -11.51 -14.34 -4.61
C GLY A 258 -11.98 -14.79 -3.23
N ALA A 259 -11.59 -15.99 -2.80
CA ALA A 259 -11.97 -16.51 -1.47
C ALA A 259 -11.39 -15.58 -0.40
N ILE A 260 -12.07 -15.49 0.73
CA ILE A 260 -11.75 -14.52 1.81
C ILE A 260 -12.20 -15.16 3.11
N SER A 261 -11.34 -15.21 4.12
CA SER A 261 -11.69 -15.62 5.48
C SER A 261 -10.97 -14.69 6.44
N GLN A 262 -11.37 -14.75 7.71
CA GLN A 262 -10.64 -14.14 8.84
C GLN A 262 -10.41 -15.23 9.89
N ARG A 263 -9.34 -15.10 10.66
CA ARG A 263 -8.99 -15.92 11.84
C ARG A 263 -8.64 -14.96 12.98
N THR A 264 -8.69 -15.40 14.23
CA THR A 264 -8.10 -14.65 15.37
C THR A 264 -6.87 -15.38 15.92
N VAL A 265 -5.72 -14.67 15.95
CA VAL A 265 -4.40 -15.24 16.29
C VAL A 265 -4.07 -14.77 17.69
N THR A 266 -4.20 -15.68 18.67
CA THR A 266 -4.03 -15.42 20.11
C THR A 266 -2.89 -16.30 20.65
N ASN A 267 -2.49 -17.30 19.85
CA ASN A 267 -1.70 -18.46 20.35
C ASN A 267 -0.31 -17.95 20.77
N THR A 268 0.18 -16.84 20.19
CA THR A 268 1.50 -16.23 20.52
C THR A 268 1.40 -15.05 21.51
N HIS A 269 0.21 -14.76 22.07
CA HIS A 269 0.03 -13.69 23.10
C HIS A 269 0.55 -12.34 22.55
N HIS A 270 0.20 -12.01 21.30
CA HIS A 270 0.78 -10.92 20.49
C HIS A 270 -0.33 -10.14 19.77
N ASP A 271 -0.57 -8.89 20.18
CA ASP A 271 -1.26 -7.86 19.35
C ASP A 271 -0.20 -7.25 18.41
N MET A 272 -0.24 -7.61 17.13
CA MET A 272 0.83 -7.29 16.15
C MET A 272 0.61 -5.93 15.46
N PHE A 273 -0.29 -5.12 15.99
CA PHE A 273 -0.50 -3.73 15.52
C PHE A 273 0.78 -2.94 15.79
N CYS A 274 1.21 -2.17 14.79
CA CYS A 274 2.35 -1.23 14.87
C CYS A 274 3.68 -1.98 14.99
N PRO A 275 3.95 -2.99 14.12
CA PRO A 275 5.19 -3.79 14.23
C PRO A 275 6.26 -3.60 13.15
N GLY A 276 7.45 -4.12 13.43
CA GLY A 276 8.46 -4.45 12.41
C GLY A 276 8.09 -5.73 11.71
N ILE A 277 8.23 -5.78 10.39
CA ILE A 277 7.99 -7.01 9.56
C ILE A 277 9.17 -7.20 8.62
N SER A 278 9.71 -8.42 8.59
CA SER A 278 10.81 -8.85 7.70
C SER A 278 10.61 -10.33 7.34
N GLN A 279 10.75 -10.66 6.05
CA GLN A 279 10.68 -12.06 5.54
C GLN A 279 12.07 -12.67 5.74
N LEU A 280 12.11 -13.85 6.40
CA LEU A 280 13.36 -14.61 6.65
C LEU A 280 13.80 -15.37 5.38
N GLU A 281 15.03 -15.90 5.38
CA GLU A 281 15.59 -16.80 4.32
C GLU A 281 14.59 -17.90 3.95
N ASP A 282 13.97 -18.58 4.91
CA ASP A 282 13.02 -19.68 4.66
C ASP A 282 11.60 -19.15 4.35
N GLY A 283 11.44 -17.85 4.08
CA GLY A 283 10.15 -17.22 3.73
C GLY A 283 9.16 -17.17 4.88
N ARG A 284 9.56 -17.54 6.09
CA ARG A 284 8.76 -17.19 7.29
C ARG A 284 8.77 -15.66 7.47
N ILE A 285 7.65 -15.09 7.91
CA ILE A 285 7.51 -13.63 8.21
C ILE A 285 7.79 -13.41 9.70
N LEU A 286 8.66 -12.46 10.03
CA LEU A 286 9.04 -12.16 11.43
C LEU A 286 8.29 -10.91 11.88
N ILE A 287 7.28 -11.08 12.74
CA ILE A 287 6.38 -9.95 13.13
C ILE A 287 6.78 -9.47 14.53
N GLN A 288 7.27 -8.23 14.66
CA GLN A 288 8.10 -7.80 15.82
C GLN A 288 7.51 -6.58 16.54
N GLY A 289 7.22 -6.70 17.84
CA GLY A 289 6.77 -5.60 18.71
C GLY A 289 5.38 -5.11 18.35
N GLY A 290 5.08 -3.83 18.63
CA GLY A 290 3.74 -3.26 18.43
C GLY A 290 3.00 -3.10 19.75
N SER A 291 1.69 -3.35 19.76
CA SER A 291 0.82 -3.07 20.94
C SER A 291 1.35 -3.91 22.10
N ASP A 292 1.70 -5.18 21.85
CA ASP A 292 2.58 -5.96 22.76
C ASP A 292 4.02 -5.72 22.30
N ALA A 293 4.72 -4.80 22.97
CA ALA A 293 5.89 -4.08 22.43
C ALA A 293 7.16 -4.94 22.43
N ASP A 294 7.24 -5.99 23.25
CA ASP A 294 8.45 -6.83 23.41
C ASP A 294 8.20 -8.24 22.83
N THR A 295 7.15 -8.42 22.03
CA THR A 295 6.67 -9.76 21.63
C THR A 295 6.88 -9.98 20.13
N VAL A 296 7.36 -11.18 19.77
CA VAL A 296 7.72 -11.65 18.40
C VAL A 296 6.97 -12.96 18.07
N SER A 297 6.27 -12.92 16.95
CA SER A 297 5.55 -14.06 16.32
C SER A 297 6.27 -14.32 15.01
N ILE A 298 6.34 -15.58 14.58
CA ILE A 298 6.92 -15.98 13.27
C ILE A 298 5.83 -16.73 12.49
N TYR A 299 5.53 -16.31 11.27
CA TYR A 299 4.48 -16.94 10.44
C TYR A 299 5.16 -17.94 9.52
N ASP A 300 4.81 -19.23 9.60
CA ASP A 300 5.32 -20.25 8.64
C ASP A 300 4.29 -20.44 7.54
N PRO A 301 4.57 -20.01 6.30
CA PRO A 301 3.75 -20.40 5.16
C PRO A 301 3.57 -21.93 5.06
N ALA A 302 4.59 -22.72 5.41
CA ALA A 302 4.58 -24.21 5.44
C ALA A 302 3.43 -24.74 6.31
N THR A 303 3.27 -24.24 7.54
CA THR A 303 2.20 -24.67 8.48
C THR A 303 0.95 -23.76 8.37
N ASN A 304 1.01 -22.58 7.76
CA ASN A 304 -0.01 -21.49 7.95
C ASN A 304 -0.32 -21.27 9.45
N GLU A 305 0.66 -21.49 10.33
CA GLU A 305 0.54 -21.25 11.80
C GLU A 305 1.56 -20.16 12.19
N PHE A 306 1.33 -19.57 13.37
CA PHE A 306 2.23 -18.61 14.04
C PHE A 306 2.93 -19.32 15.21
N THR A 307 4.18 -18.92 15.45
CA THR A 307 5.10 -19.41 16.52
C THR A 307 5.62 -18.20 17.31
N ARG A 308 5.83 -18.34 18.62
CA ARG A 308 6.44 -17.32 19.50
C ARG A 308 7.94 -17.29 19.23
N GLY A 309 8.46 -16.18 18.74
CA GLY A 309 9.92 -15.91 18.66
C GLY A 309 10.43 -15.41 19.99
N PRO A 310 11.75 -15.37 20.22
CA PRO A 310 12.29 -14.83 21.47
C PRO A 310 11.95 -13.34 21.56
N ASN A 311 11.57 -12.89 22.75
CA ASN A 311 11.31 -11.46 23.03
C ASN A 311 12.48 -10.66 22.43
N MET A 312 12.20 -9.45 21.96
CA MET A 312 13.26 -8.50 21.56
C MET A 312 14.03 -8.11 22.82
N THR A 313 15.26 -7.62 22.69
CA THR A 313 16.04 -7.15 23.87
C THR A 313 15.46 -5.82 24.37
N LEU A 314 14.73 -5.09 23.52
CA LEU A 314 14.19 -3.73 23.79
C LEU A 314 12.83 -3.61 23.11
N ALA A 315 11.78 -3.37 23.88
CA ALA A 315 10.39 -3.36 23.40
C ALA A 315 10.23 -2.13 22.54
N ARG A 316 9.60 -2.27 21.39
CA ARG A 316 9.46 -1.18 20.38
C ARG A 316 8.11 -1.33 19.67
N GLY A 317 7.64 -0.21 19.09
CA GLY A 317 6.51 -0.11 18.17
C GLY A 317 6.79 0.94 17.13
N TYR A 318 6.14 0.85 15.96
CA TYR A 318 6.37 1.74 14.80
C TYR A 318 7.87 1.73 14.43
N GLN A 319 8.62 0.68 14.73
CA GLN A 319 10.01 0.55 14.21
C GLN A 319 9.99 -0.15 12.86
N THR A 320 11.12 -0.09 12.14
CA THR A 320 11.41 -0.90 10.94
C THR A 320 12.48 -1.96 11.25
N SER A 321 12.28 -3.15 10.72
CA SER A 321 13.26 -4.27 10.62
C SER A 321 13.65 -4.45 9.16
N CYS A 322 14.86 -4.91 8.86
CA CYS A 322 15.30 -5.28 7.49
C CYS A 322 16.18 -6.55 7.56
N THR A 323 15.87 -7.53 6.69
CA THR A 323 16.64 -8.79 6.48
C THR A 323 17.99 -8.43 5.86
N LEU A 324 19.11 -8.94 6.40
CA LEU A 324 20.49 -8.60 5.99
C LEU A 324 21.03 -9.64 4.99
N SER A 325 22.20 -9.38 4.40
CA SER A 325 22.90 -10.26 3.43
C SER A 325 22.96 -11.69 4.00
N ASN A 326 23.16 -11.82 5.31
CA ASN A 326 23.41 -13.12 5.98
C ASN A 326 22.12 -13.67 6.62
N GLY A 327 20.98 -12.98 6.48
CA GLY A 327 19.66 -13.54 6.82
C GLY A 327 19.33 -13.32 8.28
N LYS A 328 20.21 -12.68 9.03
CA LYS A 328 19.87 -12.01 10.30
C LYS A 328 18.95 -10.83 9.96
N VAL A 329 18.11 -10.40 10.91
CA VAL A 329 17.18 -9.22 10.80
C VAL A 329 17.63 -8.11 11.76
N PHE A 330 17.95 -6.94 11.24
CA PHE A 330 18.31 -5.76 12.06
C PHE A 330 17.04 -4.92 12.27
N THR A 331 16.90 -4.26 13.42
CA THR A 331 15.84 -3.27 13.72
C THR A 331 16.43 -2.14 14.59
N ILE A 332 15.95 -0.92 14.46
CA ILE A 332 16.40 0.23 15.27
C ILE A 332 15.19 1.15 15.42
N GLY A 333 15.21 2.07 16.41
CA GLY A 333 14.05 2.92 16.78
C GLY A 333 12.84 2.12 17.26
N GLY A 334 11.64 2.68 17.17
CA GLY A 334 10.38 2.09 17.68
C GLY A 334 9.98 2.62 19.06
N ALA A 335 10.01 3.94 19.29
CA ALA A 335 9.61 4.64 20.54
C ALA A 335 8.08 4.73 20.74
N PHE A 336 7.24 4.29 19.81
CA PHE A 336 5.76 4.33 19.97
C PHE A 336 5.27 3.43 21.12
N SER A 337 5.80 2.23 21.27
CA SER A 337 5.34 1.22 22.27
C SER A 337 6.51 0.96 23.22
N GLY A 338 6.27 0.37 24.39
CA GLY A 338 7.28 0.16 25.45
C GLY A 338 7.64 1.50 26.09
N GLU A 339 8.89 1.68 26.51
CA GLU A 339 9.36 2.94 27.12
C GLU A 339 9.26 4.01 26.03
N ARG A 340 8.66 5.17 26.31
CA ARG A 340 8.66 6.36 25.40
C ARG A 340 10.04 7.02 25.47
N VAL A 341 11.03 6.36 24.85
CA VAL A 341 12.46 6.79 24.73
C VAL A 341 12.98 6.28 23.39
N GLY A 342 13.92 6.99 22.78
CA GLY A 342 14.62 6.47 21.60
C GLY A 342 15.20 5.06 21.83
N LYS A 343 15.21 4.22 20.77
CA LYS A 343 15.57 2.78 20.80
C LYS A 343 16.78 2.50 19.87
N ASN A 344 17.92 2.16 20.49
CA ASN A 344 19.14 1.66 19.83
C ASN A 344 18.81 0.36 19.08
N GLY A 345 19.70 -0.04 18.16
CA GLY A 345 19.55 -1.21 17.27
C GLY A 345 19.55 -2.52 18.02
N GLU A 346 19.01 -3.56 17.40
CA GLU A 346 19.28 -4.97 17.76
C GLU A 346 19.12 -5.84 16.51
N VAL A 347 19.52 -7.10 16.60
CA VAL A 347 19.55 -8.04 15.45
C VAL A 347 19.08 -9.43 15.89
N TYR A 348 18.24 -10.04 15.06
CA TYR A 348 17.72 -11.40 15.23
C TYR A 348 18.58 -12.33 14.37
N ASP A 349 19.10 -13.40 14.98
CA ASP A 349 19.71 -14.56 14.30
C ASP A 349 18.70 -15.70 14.34
N PRO A 350 18.14 -16.11 13.18
CA PRO A 350 17.11 -17.16 13.14
C PRO A 350 17.66 -18.57 13.38
N VAL A 351 18.93 -18.81 13.06
CA VAL A 351 19.64 -20.11 13.29
C VAL A 351 19.79 -20.31 14.80
N ALA A 352 20.49 -19.39 15.47
CA ALA A 352 20.64 -19.36 16.94
C ALA A 352 19.29 -19.03 17.60
N ASN A 353 18.33 -18.49 16.87
CA ASN A 353 17.02 -18.05 17.45
C ASN A 353 17.26 -17.17 18.70
N ALA A 354 17.96 -16.04 18.51
CA ALA A 354 18.41 -15.14 19.59
C ALA A 354 18.44 -13.71 19.06
N TRP A 355 17.96 -12.75 19.86
CA TRP A 355 18.18 -11.29 19.68
C TRP A 355 19.40 -10.88 20.49
N THR A 356 20.11 -9.88 19.97
CA THR A 356 21.35 -9.28 20.54
C THR A 356 21.18 -7.75 20.43
N TYR A 357 21.15 -7.09 21.57
CA TYR A 357 21.08 -5.63 21.66
C TYR A 357 22.37 -5.10 21.03
N LEU A 358 22.30 -3.96 20.30
CA LEU A 358 23.44 -3.25 19.64
C LEU A 358 23.53 -1.78 20.06
N PRO A 359 24.05 -1.48 21.29
CA PRO A 359 24.13 -0.13 21.83
C PRO A 359 24.82 0.87 20.91
N GLY A 360 25.82 0.40 20.16
CA GLY A 360 26.59 1.21 19.20
C GLY A 360 25.78 1.51 17.94
N ALA A 361 24.78 0.70 17.65
CA ALA A 361 23.76 1.06 16.64
C ALA A 361 22.93 2.17 17.26
N ASP A 362 23.48 3.41 17.30
CA ASP A 362 22.93 4.57 18.03
C ASP A 362 21.73 5.15 17.27
N PHE A 363 20.65 5.43 18.00
CA PHE A 363 19.38 5.95 17.45
C PHE A 363 19.56 7.44 17.14
N ARG A 364 20.39 8.14 17.91
CA ARG A 364 20.39 9.63 17.94
C ARG A 364 20.65 10.21 16.55
N PRO A 365 21.55 9.64 15.73
CA PRO A 365 21.79 10.15 14.39
C PRO A 365 20.59 10.00 13.44
N MET A 366 19.74 8.99 13.64
CA MET A 366 18.64 8.71 12.71
C MET A 366 17.41 9.48 13.23
N LEU A 367 17.58 10.21 14.33
CA LEU A 367 16.40 10.93 14.88
C LEU A 367 15.90 11.98 13.87
N THR A 368 14.59 11.99 13.66
CA THR A 368 13.80 13.10 13.06
C THR A 368 13.65 14.22 14.12
N ASN A 369 13.31 15.44 13.71
CA ASN A 369 12.81 16.48 14.65
C ASN A 369 11.30 16.62 14.47
N ASP A 370 10.55 16.25 15.52
CA ASP A 370 9.06 16.17 15.51
C ASP A 370 8.48 17.10 16.61
N HIS A 371 7.41 17.83 16.29
CA HIS A 371 6.68 18.66 17.28
C HIS A 371 6.14 17.80 18.44
N GLU A 372 5.99 16.48 18.26
CA GLU A 372 5.50 15.59 19.35
C GLU A 372 6.69 15.01 20.12
N GLY A 373 7.91 15.28 19.69
CA GLY A 373 9.10 14.79 20.41
C GLY A 373 9.43 13.33 20.16
N ILE A 374 10.27 12.77 21.03
CA ILE A 374 11.03 11.52 20.76
C ILE A 374 10.08 10.35 20.47
N TRP A 375 8.85 10.38 21.00
CA TRP A 375 7.79 9.38 20.72
C TRP A 375 7.77 9.04 19.22
N ARG A 376 7.98 10.03 18.35
CA ARG A 376 7.75 9.93 16.88
C ARG A 376 9.07 9.77 16.11
N GLU A 377 10.16 10.23 16.72
CA GLU A 377 11.33 10.66 15.95
C GLU A 377 12.13 9.46 15.46
N ASP A 378 12.00 8.27 16.05
CA ASP A 378 12.76 7.08 15.61
C ASP A 378 11.83 6.10 14.89
N ASN A 379 10.68 6.56 14.38
CA ASN A 379 9.65 5.68 13.78
C ASN A 379 9.96 5.49 12.28
N HIS A 380 9.67 4.29 11.77
CA HIS A 380 9.55 3.96 10.34
C HIS A 380 10.81 4.41 9.58
N ALA A 381 11.99 3.92 10.00
CA ALA A 381 13.29 4.12 9.31
C ALA A 381 13.29 3.46 7.91
N TRP A 382 13.84 4.15 6.92
CA TRP A 382 14.03 3.63 5.53
C TRP A 382 15.27 2.74 5.56
N LEU A 383 15.11 1.51 6.04
CA LEU A 383 16.23 0.54 6.20
C LEU A 383 16.32 -0.38 4.96
N PHE A 384 17.54 -0.78 4.59
CA PHE A 384 17.82 -1.77 3.52
C PHE A 384 19.00 -2.64 3.95
N GLY A 385 18.85 -3.97 3.83
CA GLY A 385 19.98 -4.91 3.94
C GLY A 385 20.90 -4.76 2.73
N TRP A 386 22.20 -4.61 2.91
CA TRP A 386 23.15 -4.33 1.80
C TRP A 386 24.34 -5.26 1.90
N LYS A 387 25.49 -4.87 1.33
CA LYS A 387 26.65 -5.78 1.13
C LYS A 387 27.22 -6.12 2.52
N ASN A 388 27.63 -7.37 2.71
CA ASN A 388 28.45 -7.83 3.87
C ASN A 388 27.78 -7.47 5.19
N GLY A 389 26.46 -7.63 5.27
CA GLY A 389 25.72 -7.41 6.54
C GLY A 389 25.43 -5.95 6.82
N SER A 390 25.73 -5.00 5.93
CA SER A 390 25.48 -3.56 6.18
C SER A 390 23.98 -3.24 6.16
N ILE A 391 23.58 -2.14 6.79
CA ILE A 391 22.21 -1.52 6.75
C ILE A 391 22.38 -0.11 6.23
N PHE A 392 21.64 0.23 5.17
CA PHE A 392 21.47 1.64 4.73
C PHE A 392 20.15 2.20 5.26
N GLN A 393 20.20 3.41 5.84
CA GLN A 393 19.07 4.14 6.45
C GLN A 393 18.93 5.43 5.64
N ALA A 394 18.03 5.43 4.67
CA ALA A 394 17.80 6.51 3.68
C ALA A 394 16.98 7.66 4.28
N GLY A 395 16.33 7.42 5.41
CA GLY A 395 15.46 8.42 6.06
C GLY A 395 14.53 7.76 7.05
N PRO A 396 13.41 8.41 7.41
CA PRO A 396 13.04 9.72 6.83
C PRO A 396 13.79 10.93 7.36
N SER A 397 14.79 10.74 8.23
CA SER A 397 15.63 11.84 8.76
C SER A 397 16.32 12.50 7.59
N LYS A 398 16.45 13.82 7.63
CA LYS A 398 17.05 14.64 6.54
C LYS A 398 18.40 14.02 6.16
N ASP A 399 19.16 13.47 7.12
CA ASP A 399 20.47 12.83 6.83
C ASP A 399 20.36 11.30 6.73
N GLN A 400 21.11 10.68 5.80
CA GLN A 400 21.18 9.21 5.63
C GLN A 400 22.37 8.67 6.44
N HIS A 401 22.38 7.38 6.78
CA HIS A 401 23.43 6.77 7.65
C HIS A 401 23.58 5.28 7.34
N TRP A 402 24.75 4.71 7.67
CA TRP A 402 25.10 3.29 7.52
C TRP A 402 25.09 2.67 8.90
N TYR A 403 24.42 1.53 9.09
CA TYR A 403 24.32 0.89 10.42
C TYR A 403 24.85 -0.51 10.24
N GLY A 404 25.56 -1.04 11.25
CA GLY A 404 26.11 -2.40 11.22
C GLY A 404 25.83 -3.14 12.49
N ILE A 405 26.04 -4.46 12.45
CA ILE A 405 25.87 -5.36 13.61
C ILE A 405 27.24 -5.84 14.11
N GLN A 406 28.36 -5.25 13.64
CA GLN A 406 29.73 -5.72 14.07
C GLN A 406 30.06 -5.11 15.42
N GLY A 407 30.81 -5.85 16.24
CA GLY A 407 31.00 -5.50 17.66
C GLY A 407 29.65 -5.34 18.35
N ASN A 408 29.41 -4.17 18.92
CA ASN A 408 28.15 -3.85 19.64
C ASN A 408 27.34 -2.87 18.81
N GLY A 409 27.44 -2.96 17.48
CA GLY A 409 26.72 -2.12 16.50
C GLY A 409 27.53 -0.91 16.12
N THR A 410 27.28 -0.33 14.93
CA THR A 410 28.00 0.88 14.43
C THR A 410 27.02 1.83 13.75
N VAL A 411 27.48 3.04 13.46
CA VAL A 411 26.68 4.09 12.77
C VAL A 411 27.60 5.22 12.27
N ALA A 412 27.32 5.73 11.06
CA ALA A 412 28.11 6.78 10.38
C ALA A 412 27.21 7.47 9.37
N LYS A 413 27.47 8.75 9.12
CA LYS A 413 26.70 9.60 8.17
C LYS A 413 27.11 9.19 6.75
N ALA A 414 26.12 9.00 5.87
CA ALA A 414 26.29 8.52 4.49
C ALA A 414 26.03 9.68 3.51
N ALA A 415 25.15 10.62 3.86
CA ALA A 415 24.73 11.72 2.98
C ALA A 415 23.59 12.53 3.59
N THR A 416 23.26 13.64 2.96
CA THR A 416 22.06 14.47 3.29
C THR A 416 21.12 14.42 2.09
N ARG A 417 19.96 13.78 2.29
CA ARG A 417 18.87 13.61 1.29
C ARG A 417 18.15 14.93 1.02
N ASP A 418 17.97 15.77 2.03
CA ASP A 418 17.03 16.92 1.96
C ASP A 418 17.30 17.89 3.11
N ASP A 419 16.57 18.99 3.15
CA ASP A 419 16.74 20.03 4.20
C ASP A 419 15.64 19.86 5.26
N ASP A 420 14.76 18.88 5.12
CA ASP A 420 13.69 18.62 6.13
C ASP A 420 13.42 17.11 6.21
N ASP A 421 12.93 16.65 7.36
CA ASP A 421 12.52 15.24 7.57
C ASP A 421 11.34 14.93 6.63
N ALA A 422 11.16 13.66 6.28
CA ALA A 422 10.04 13.19 5.44
C ALA A 422 9.35 12.00 6.14
N MET A 423 9.00 12.12 7.41
CA MET A 423 8.32 11.03 8.14
C MET A 423 7.20 10.49 7.26
N CYS A 424 7.14 9.16 7.15
CA CYS A 424 6.19 8.35 6.34
C CYS A 424 6.16 8.78 4.88
N GLY A 425 7.30 9.19 4.32
CA GLY A 425 7.49 9.32 2.87
C GLY A 425 7.61 7.92 2.34
N VAL A 426 7.49 7.75 1.03
CA VAL A 426 7.66 6.44 0.32
C VAL A 426 9.11 6.29 -0.12
N TRP A 427 9.52 5.05 -0.28
CA TRP A 427 10.91 4.61 -0.50
C TRP A 427 10.93 3.16 -0.96
N VAL A 428 11.68 2.87 -2.02
CA VAL A 428 11.80 1.47 -2.55
C VAL A 428 13.16 1.36 -3.22
N MET A 429 13.83 0.21 -3.09
CA MET A 429 15.05 -0.10 -3.88
C MET A 429 14.60 -0.69 -5.23
N TYR A 430 14.49 0.13 -6.28
CA TYR A 430 13.92 -0.28 -7.59
C TYR A 430 15.01 -0.98 -8.44
N ASP A 431 16.29 -0.88 -8.08
CA ASP A 431 17.39 -1.58 -8.80
C ASP A 431 18.51 -1.87 -7.81
N ALA A 432 18.40 -3.01 -7.16
CA ALA A 432 19.43 -3.52 -6.24
C ALA A 432 20.79 -3.61 -6.97
N VAL A 433 20.84 -4.14 -8.19
CA VAL A 433 22.11 -4.39 -8.94
C VAL A 433 22.88 -3.05 -9.02
N ALA A 434 22.22 -1.95 -9.37
CA ALA A 434 22.82 -0.59 -9.50
C ALA A 434 22.80 0.24 -8.17
N GLY A 435 22.52 -0.38 -7.02
CA GLY A 435 22.46 0.24 -5.67
C GLY A 435 21.53 1.45 -5.61
N LYS A 436 20.39 1.39 -6.31
CA LYS A 436 19.49 2.55 -6.59
C LYS A 436 18.22 2.49 -5.70
N ILE A 437 17.86 3.64 -5.10
CA ILE A 437 16.76 3.82 -4.11
C ILE A 437 15.97 5.07 -4.50
N PHE A 438 14.65 4.94 -4.61
CA PHE A 438 13.74 6.06 -4.93
C PHE A 438 12.89 6.37 -3.70
N SER A 439 12.78 7.65 -3.38
CA SER A 439 12.07 8.18 -2.19
C SER A 439 11.24 9.38 -2.64
N ALA A 440 10.00 9.48 -2.16
CA ALA A 440 9.12 10.64 -2.45
C ALA A 440 8.18 10.88 -1.26
N GLY A 441 7.72 12.11 -1.12
CA GLY A 441 6.61 12.43 -0.22
C GLY A 441 7.07 12.40 1.23
N GLY A 442 6.13 12.27 2.16
CA GLY A 442 6.40 12.42 3.59
C GLY A 442 6.08 13.86 4.00
N SER A 443 6.05 14.06 5.29
CA SER A 443 5.82 15.34 6.00
C SER A 443 6.90 15.50 7.07
N PRO A 444 7.30 16.74 7.38
CA PRO A 444 8.34 16.98 8.36
C PRO A 444 7.98 16.52 9.79
N ASP A 445 6.70 16.47 10.15
CA ASP A 445 6.21 15.87 11.42
C ASP A 445 5.25 14.71 11.11
N TYR A 446 5.10 13.77 12.06
CA TYR A 446 4.25 12.57 11.91
C TYR A 446 2.85 12.99 11.48
N THR A 447 2.22 13.89 12.25
CA THR A 447 0.82 14.36 12.04
C THR A 447 0.74 15.90 12.12
N ASP A 448 -0.33 16.48 11.58
CA ASP A 448 -0.62 17.94 11.70
C ASP A 448 0.50 18.66 10.95
N SER A 449 0.88 18.13 9.78
CA SER A 449 2.12 18.50 9.01
C SER A 449 1.85 18.45 7.52
N PRO A 450 2.03 19.56 6.79
CA PRO A 450 1.93 19.53 5.33
C PRO A 450 3.00 18.60 4.73
N ALA A 451 2.58 17.77 3.78
CA ALA A 451 3.45 16.84 3.05
C ALA A 451 4.20 17.59 1.94
N THR A 452 5.27 16.97 1.44
CA THR A 452 6.23 17.55 0.48
C THR A 452 5.96 16.90 -0.88
N GLN A 453 6.35 17.55 -1.97
CA GLN A 453 6.32 16.95 -3.33
C GLN A 453 7.72 16.42 -3.69
N ARG A 454 8.70 16.57 -2.80
CA ARG A 454 10.13 16.36 -3.11
C ARG A 454 10.34 14.88 -3.23
N ALA A 455 11.26 14.47 -4.12
CA ALA A 455 11.60 13.07 -4.45
C ALA A 455 13.07 13.00 -4.92
N HIS A 456 13.73 11.90 -4.59
CA HIS A 456 15.19 11.70 -4.73
C HIS A 456 15.44 10.29 -5.27
N ILE A 457 16.48 10.16 -6.08
CA ILE A 457 17.20 8.88 -6.32
C ILE A 457 18.45 8.91 -5.43
N THR A 458 18.64 7.88 -4.63
CA THR A 458 19.82 7.74 -3.75
C THR A 458 20.60 6.54 -4.25
N THR A 459 21.87 6.74 -4.61
CA THR A 459 22.73 5.65 -5.12
C THR A 459 23.72 5.25 -4.04
N ILE A 460 23.76 3.96 -3.72
CA ILE A 460 24.69 3.39 -2.70
C ILE A 460 25.66 2.46 -3.43
N GLY A 461 26.95 2.77 -3.32
CA GLY A 461 28.05 1.90 -3.73
C GLY A 461 28.44 0.99 -2.59
N GLU A 462 29.63 1.19 -2.01
CA GLU A 462 30.21 0.33 -0.94
C GLU A 462 29.68 0.79 0.39
N PRO A 463 29.49 -0.15 1.35
CA PRO A 463 28.98 0.21 2.67
C PRO A 463 29.97 0.98 3.56
N ASN A 464 29.50 2.06 4.18
CA ASN A 464 30.29 2.91 5.10
C ASN A 464 31.28 3.70 4.23
N THR A 465 30.74 4.32 3.18
CA THR A 465 31.37 5.27 2.24
C THR A 465 30.26 6.10 1.64
N PRO A 466 30.45 7.42 1.40
CA PRO A 466 29.33 8.32 1.10
C PRO A 466 28.42 7.83 -0.03
N ALA A 467 27.13 8.13 0.10
CA ALA A 467 26.08 7.77 -0.87
C ALA A 467 25.71 9.04 -1.61
N GLU A 468 25.13 8.88 -2.79
CA GLU A 468 24.86 10.00 -3.71
C GLU A 468 23.33 10.19 -3.73
N VAL A 469 22.89 11.44 -3.61
CA VAL A 469 21.44 11.82 -3.62
C VAL A 469 21.23 12.85 -4.73
N GLU A 470 20.38 12.53 -5.70
CA GLU A 470 19.96 13.49 -6.73
C GLU A 470 18.48 13.79 -6.45
N ARG A 471 18.13 15.06 -6.24
CA ARG A 471 16.70 15.45 -6.21
C ARG A 471 16.19 15.32 -7.64
N VAL A 472 14.95 14.87 -7.83
CA VAL A 472 14.33 14.74 -9.17
C VAL A 472 13.02 15.52 -9.11
N ALA A 473 12.33 15.56 -10.25
CA ALA A 473 11.04 16.26 -10.39
C ALA A 473 10.14 15.99 -9.18
N ASP A 474 9.51 17.05 -8.70
CA ASP A 474 8.43 17.03 -7.70
C ASP A 474 7.34 16.11 -8.20
N MET A 475 6.78 15.31 -7.31
CA MET A 475 5.48 14.62 -7.51
C MET A 475 4.48 15.68 -7.91
N GLY A 476 3.36 15.26 -8.49
CA GLY A 476 2.24 16.14 -8.88
C GLY A 476 1.47 16.63 -7.68
N PHE A 477 1.54 15.91 -6.56
CA PHE A 477 0.75 16.18 -5.33
C PHE A 477 1.62 15.98 -4.09
N PRO A 478 1.45 16.79 -3.03
CA PRO A 478 2.08 16.50 -1.75
C PRO A 478 1.33 15.29 -1.16
N ARG A 479 2.06 14.30 -0.64
CA ARG A 479 1.50 13.02 -0.17
C ARG A 479 2.10 12.69 1.20
N GLY A 480 1.27 12.71 2.24
CA GLY A 480 1.56 12.11 3.56
C GLY A 480 0.83 10.80 3.70
N PHE A 481 1.51 9.76 4.20
CA PHE A 481 0.98 8.38 4.39
C PHE A 481 0.59 7.70 3.06
N ALA A 482 1.37 7.95 2.01
CA ALA A 482 1.15 7.26 0.72
C ALA A 482 1.85 5.92 0.82
N ASN A 483 1.69 5.07 -0.17
CA ASN A 483 2.47 3.81 -0.24
C ASN A 483 3.10 3.73 -1.62
N ALA A 484 4.12 2.88 -1.79
CA ALA A 484 4.87 2.72 -3.05
C ALA A 484 5.23 1.24 -3.31
N VAL A 485 5.16 0.80 -4.58
CA VAL A 485 5.71 -0.50 -5.04
C VAL A 485 6.57 -0.26 -6.28
N VAL A 486 7.66 -1.03 -6.39
CA VAL A 486 8.41 -1.15 -7.65
C VAL A 486 7.69 -2.22 -8.49
N LEU A 487 7.60 -2.00 -9.80
CA LEU A 487 6.99 -2.94 -10.78
C LEU A 487 8.09 -3.60 -11.62
N PRO A 488 7.78 -4.66 -12.39
CA PRO A 488 8.79 -5.36 -13.18
C PRO A 488 9.68 -4.49 -14.10
N ASP A 489 9.16 -3.40 -14.67
CA ASP A 489 9.98 -2.48 -15.52
C ASP A 489 10.83 -1.55 -14.65
N GLY A 490 10.69 -1.60 -13.32
CA GLY A 490 11.48 -0.78 -12.38
C GLY A 490 10.89 0.61 -12.21
N GLN A 491 9.75 0.89 -12.82
CA GLN A 491 8.98 2.11 -12.49
C GLN A 491 8.46 1.92 -11.06
N VAL A 492 8.21 3.03 -10.37
CA VAL A 492 7.68 3.06 -8.97
C VAL A 492 6.30 3.70 -9.00
N LEU A 493 5.29 2.97 -8.54
CA LEU A 493 3.90 3.46 -8.44
C LEU A 493 3.65 3.90 -6.99
N VAL A 494 3.41 5.20 -6.83
CA VAL A 494 2.95 5.86 -5.58
C VAL A 494 1.42 5.91 -5.60
N THR A 495 0.79 5.44 -4.52
CA THR A 495 -0.68 5.39 -4.33
C THR A 495 -1.02 6.03 -2.98
N GLY A 496 -2.11 6.77 -2.92
CA GLY A 496 -2.69 7.30 -1.68
C GLY A 496 -1.88 8.47 -1.13
N GLY A 497 -2.03 8.64 0.19
CA GLY A 497 -1.49 9.80 0.95
C GLY A 497 -2.40 10.98 0.79
N GLN A 498 -2.19 12.01 1.61
CA GLN A 498 -3.04 13.24 1.68
C GLN A 498 -2.13 14.48 1.64
N ARG A 499 -2.69 15.64 1.37
CA ARG A 499 -1.93 16.91 1.20
C ARG A 499 -1.25 17.28 2.52
N MET A 500 -1.95 17.08 3.63
CA MET A 500 -1.41 17.31 5.00
C MET A 500 -1.63 16.05 5.84
N SER A 501 -0.56 15.50 6.37
CA SER A 501 -0.58 14.35 7.30
C SER A 501 -1.44 14.69 8.49
N LEU A 502 -2.60 14.03 8.58
CA LEU A 502 -3.54 14.07 9.72
C LEU A 502 -4.03 12.65 9.99
N VAL A 503 -3.43 11.98 10.96
CA VAL A 503 -3.86 10.62 11.38
C VAL A 503 -5.39 10.56 11.45
N PHE A 504 -5.98 9.51 10.86
CA PHE A 504 -7.40 9.08 11.03
C PHE A 504 -8.35 10.01 10.27
N THR A 505 -7.98 10.37 9.04
CA THR A 505 -8.71 11.31 8.18
C THR A 505 -8.66 10.85 6.72
N ASN A 506 -9.71 11.18 6.00
CA ASN A 506 -9.79 11.10 4.52
C ASN A 506 -9.42 12.46 3.91
N THR A 507 -9.18 13.47 4.74
CA THR A 507 -9.02 14.87 4.28
C THR A 507 -7.93 14.95 3.21
N ASP A 508 -8.31 15.45 2.03
CA ASP A 508 -7.39 15.79 0.90
C ASP A 508 -6.60 14.56 0.53
N GLY A 509 -7.27 13.41 0.57
CA GLY A 509 -6.71 12.15 0.05
C GLY A 509 -6.50 12.29 -1.44
N ILE A 510 -5.28 12.09 -1.92
CA ILE A 510 -5.00 12.07 -3.38
C ILE A 510 -5.50 10.72 -3.88
N LEU A 511 -6.49 10.71 -4.78
CA LEU A 511 -7.01 9.50 -5.44
C LEU A 511 -6.13 9.13 -6.64
N VAL A 512 -5.52 10.12 -7.29
CA VAL A 512 -4.73 9.86 -8.53
C VAL A 512 -3.41 9.19 -8.14
N ALA A 513 -3.21 7.94 -8.56
CA ALA A 513 -1.89 7.29 -8.44
C ALA A 513 -0.94 8.00 -9.41
N GLU A 514 0.36 7.91 -9.13
CA GLU A 514 1.44 8.42 -9.99
C GLU A 514 2.52 7.33 -10.18
N LEU A 515 2.96 7.19 -11.43
CA LEU A 515 4.05 6.28 -11.89
C LEU A 515 5.30 7.14 -12.07
N PHE A 516 6.38 6.82 -11.38
CA PHE A 516 7.66 7.53 -11.59
C PHE A 516 8.59 6.59 -12.35
N ASN A 517 9.18 7.11 -13.43
CA ASN A 517 10.06 6.33 -14.34
C ASN A 517 11.51 6.79 -14.14
N PRO A 518 12.36 5.99 -13.45
CA PRO A 518 13.75 6.37 -13.16
C PRO A 518 14.61 6.63 -14.40
N GLU A 519 14.29 6.01 -15.55
CA GLU A 519 15.01 6.17 -16.84
C GLU A 519 14.65 7.55 -17.43
N THR A 520 13.37 7.91 -17.51
CA THR A 520 12.88 9.27 -17.86
C THR A 520 13.21 10.27 -16.74
N ARG A 521 13.29 9.84 -15.46
CA ARG A 521 13.33 10.69 -14.23
C ARG A 521 12.11 11.63 -14.22
N GLU A 522 10.97 11.11 -14.69
CA GLU A 522 9.73 11.88 -14.97
C GLU A 522 8.50 11.14 -14.38
N TRP A 523 7.58 11.93 -13.85
CA TRP A 523 6.29 11.47 -13.28
C TRP A 523 5.25 11.41 -14.41
N LYS A 524 4.19 10.62 -14.20
CA LYS A 524 3.01 10.51 -15.12
C LYS A 524 1.80 10.15 -14.25
N GLN A 525 0.70 10.89 -14.39
CA GLN A 525 -0.50 10.73 -13.54
C GLN A 525 -1.26 9.52 -14.07
N MET A 526 -1.65 8.62 -13.16
CA MET A 526 -2.41 7.40 -13.51
C MET A 526 -3.89 7.69 -13.24
N ALA A 527 -4.78 6.76 -13.60
CA ALA A 527 -6.23 6.81 -13.31
C ALA A 527 -6.43 6.92 -11.80
N PRO A 528 -7.54 7.54 -11.34
CA PRO A 528 -7.85 7.66 -9.92
C PRO A 528 -8.47 6.41 -9.29
N MET A 529 -8.06 6.08 -8.07
CA MET A 529 -8.75 5.06 -7.25
C MET A 529 -10.00 5.69 -6.65
N ALA A 530 -10.74 4.89 -5.90
CA ALA A 530 -12.09 5.22 -5.41
C ALA A 530 -12.00 5.85 -4.04
N VAL A 531 -11.12 5.34 -3.18
CA VAL A 531 -11.18 5.54 -1.72
C VAL A 531 -9.87 6.17 -1.27
N PRO A 532 -9.90 7.12 -0.32
CA PRO A 532 -8.69 7.70 0.24
C PRO A 532 -7.88 6.71 1.09
N ARG A 533 -6.61 6.50 0.71
CA ARG A 533 -5.67 5.58 1.39
C ARG A 533 -4.59 6.39 2.11
N ASN A 534 -4.92 6.87 3.31
CA ASN A 534 -4.08 7.77 4.14
C ASN A 534 -3.38 6.93 5.22
N TYR A 535 -3.40 7.38 6.47
CA TYR A 535 -2.92 6.66 7.68
C TYR A 535 -3.61 5.28 7.75
N HIS A 536 -2.81 4.26 8.09
CA HIS A 536 -3.21 2.83 8.30
C HIS A 536 -3.73 2.22 7.00
N SER A 537 -3.34 2.78 5.85
CA SER A 537 -3.57 2.22 4.49
C SER A 537 -2.32 1.43 4.08
N VAL A 538 -2.34 0.65 2.97
CA VAL A 538 -1.19 -0.21 2.53
C VAL A 538 -1.15 -0.32 1.01
N SER A 539 0.02 -0.63 0.44
CA SER A 539 0.15 -1.01 -0.99
C SER A 539 1.17 -2.14 -1.16
N ILE A 540 0.89 -3.07 -2.08
CA ILE A 540 1.72 -4.27 -2.30
C ILE A 540 1.56 -4.79 -3.73
N LEU A 541 2.64 -5.35 -4.28
CA LEU A 541 2.66 -6.02 -5.59
C LEU A 541 2.00 -7.40 -5.50
N LEU A 542 1.18 -7.73 -6.49
CA LEU A 542 0.56 -9.07 -6.63
C LEU A 542 1.34 -9.83 -7.70
N PRO A 543 1.26 -11.19 -7.69
CA PRO A 543 2.00 -12.02 -8.64
C PRO A 543 1.73 -11.63 -10.09
N ASP A 544 0.50 -11.24 -10.43
CA ASP A 544 0.10 -10.90 -11.83
C ASP A 544 0.66 -9.52 -12.26
N ALA A 545 1.38 -8.78 -11.39
CA ALA A 545 2.06 -7.51 -11.69
C ALA A 545 1.08 -6.34 -11.55
N THR A 546 -0.04 -6.57 -10.85
CA THR A 546 -1.00 -5.52 -10.44
C THR A 546 -0.69 -5.10 -9.00
N VAL A 547 -1.28 -3.98 -8.57
CA VAL A 547 -1.04 -3.35 -7.24
C VAL A 547 -2.34 -3.29 -6.43
N PHE A 548 -2.34 -3.90 -5.26
CA PHE A 548 -3.45 -3.84 -4.28
C PHE A 548 -3.25 -2.66 -3.31
N SER A 549 -4.19 -1.72 -3.32
CA SER A 549 -4.24 -0.53 -2.44
C SER A 549 -5.46 -0.65 -1.56
N GLY A 550 -5.31 -0.44 -0.26
CA GLY A 550 -6.28 -0.97 0.71
C GLY A 550 -6.08 -0.40 2.09
N GLY A 551 -7.16 -0.47 2.87
CA GLY A 551 -7.20 -0.06 4.28
C GLY A 551 -7.23 1.44 4.42
N GLY A 552 -6.97 1.85 5.65
CA GLY A 552 -6.99 3.23 6.13
C GLY A 552 -8.01 3.30 7.23
N GLY A 553 -7.67 3.98 8.32
CA GLY A 553 -8.59 4.25 9.43
C GLY A 553 -8.10 3.61 10.70
N MET A 554 -9.03 2.94 11.41
CA MET A 554 -8.84 2.37 12.78
C MET A 554 -9.06 3.47 13.84
N CYS A 555 -9.48 3.04 15.03
CA CYS A 555 -9.93 3.90 16.15
C CYS A 555 -9.19 3.47 17.42
N TRP A 556 -8.45 4.38 18.06
CA TRP A 556 -7.96 4.18 19.45
C TRP A 556 -9.17 4.09 20.38
N VAL A 557 -9.17 3.12 21.29
CA VAL A 557 -10.19 2.96 22.36
C VAL A 557 -9.46 2.52 23.62
N GLN A 558 -9.70 3.22 24.75
CA GLN A 558 -9.02 3.08 26.06
C GLN A 558 -8.61 1.62 26.29
N ASN A 559 -9.56 0.73 26.59
CA ASN A 559 -9.28 -0.67 27.03
C ASN A 559 -9.70 -1.62 25.89
N VAL A 560 -9.23 -2.88 25.92
CA VAL A 560 -9.61 -3.97 24.96
C VAL A 560 -11.08 -4.38 25.19
N GLY A 561 -11.83 -4.67 24.12
CA GLY A 561 -13.25 -5.03 24.18
C GLY A 561 -14.16 -3.90 24.65
N ASP A 562 -13.74 -2.63 24.47
CA ASP A 562 -14.62 -1.42 24.57
C ASP A 562 -15.42 -1.27 23.26
N SER A 563 -16.57 -0.60 23.29
CA SER A 563 -17.49 -0.43 22.12
C SER A 563 -16.95 0.64 21.17
N THR A 564 -17.09 0.42 19.86
CA THR A 564 -16.61 1.31 18.76
C THR A 564 -17.76 2.18 18.21
N ALA A 565 -18.72 2.58 19.06
CA ALA A 565 -19.92 3.37 18.65
C ALA A 565 -19.54 4.85 18.50
N GLY A 566 -18.72 5.39 19.41
CA GLY A 566 -18.26 6.79 19.39
C GLY A 566 -17.27 7.08 18.26
N CYS A 567 -16.76 6.06 17.56
CA CYS A 567 -15.69 6.20 16.53
C CYS A 567 -16.29 6.77 15.22
N ASP A 568 -15.55 7.69 14.55
CA ASP A 568 -15.84 8.20 13.18
C ASP A 568 -15.58 7.09 12.16
N LYS A 569 -16.60 6.30 11.82
CA LYS A 569 -16.50 5.13 10.91
C LYS A 569 -16.26 5.55 9.45
N THR A 570 -16.34 6.85 9.11
CA THR A 570 -16.16 7.37 7.72
C THR A 570 -14.70 7.24 7.28
N VAL A 571 -13.78 7.19 8.24
CA VAL A 571 -12.31 7.14 8.02
C VAL A 571 -11.85 5.70 7.80
N ASP A 572 -12.65 4.72 8.25
CA ASP A 572 -12.41 3.26 8.10
C ASP A 572 -12.70 2.83 6.66
N HIS A 573 -11.79 2.07 6.07
CA HIS A 573 -11.89 1.47 4.72
C HIS A 573 -11.42 0.00 4.82
N SER A 574 -12.21 -0.82 5.49
CA SER A 574 -12.02 -2.29 5.59
C SER A 574 -12.27 -2.86 4.20
N ASP A 575 -11.36 -2.62 3.25
CA ASP A 575 -11.49 -3.01 1.83
C ASP A 575 -10.22 -2.67 1.06
N GLY A 576 -10.19 -2.96 -0.25
CA GLY A 576 -9.04 -2.72 -1.12
C GLY A 576 -9.49 -2.70 -2.58
N GLU A 577 -8.62 -2.27 -3.48
CA GLU A 577 -8.91 -2.08 -4.91
C GLU A 577 -7.58 -2.35 -5.60
N ILE A 578 -7.63 -2.88 -6.82
CA ILE A 578 -6.42 -3.38 -7.54
C ILE A 578 -6.29 -2.53 -8.79
N PHE A 579 -5.08 -2.08 -9.07
CA PHE A 579 -4.72 -1.26 -10.25
C PHE A 579 -3.99 -2.13 -11.28
N GLU A 580 -4.49 -2.16 -12.50
CA GLU A 580 -3.71 -2.65 -13.67
C GLU A 580 -2.95 -1.47 -14.24
N PRO A 581 -1.61 -1.46 -14.19
CA PRO A 581 -0.81 -0.45 -14.89
C PRO A 581 -1.02 -0.37 -16.40
N PRO A 582 -0.55 0.70 -17.05
CA PRO A 582 -0.48 0.77 -18.52
C PRO A 582 0.07 -0.49 -19.23
N TYR A 583 1.11 -1.14 -18.68
CA TYR A 583 1.86 -2.25 -19.35
C TYR A 583 1.00 -3.50 -19.57
N LEU A 584 -0.21 -3.55 -19.01
CA LEU A 584 -1.10 -4.71 -19.19
C LEU A 584 -2.04 -4.52 -20.39
N PHE A 585 -1.96 -3.38 -21.10
CA PHE A 585 -2.88 -3.01 -22.22
C PHE A 585 -2.10 -2.67 -23.51
N ASN A 586 -2.66 -3.03 -24.66
CA ASN A 586 -2.14 -2.51 -25.96
C ASN A 586 -2.69 -1.09 -26.14
N GLU A 587 -2.36 -0.44 -27.25
CA GLU A 587 -2.82 0.95 -27.57
C GLU A 587 -4.35 1.01 -27.69
N ASP A 588 -5.03 -0.05 -28.14
CA ASP A 588 -6.50 -0.01 -28.32
C ASP A 588 -7.20 -0.24 -26.98
N GLY A 589 -6.45 -0.41 -25.86
CA GLY A 589 -7.01 -0.65 -24.50
C GLY A 589 -7.46 -2.09 -24.24
N SER A 590 -7.15 -3.03 -25.15
CA SER A 590 -7.27 -4.48 -24.90
C SER A 590 -6.07 -4.93 -24.05
N ARG A 591 -6.25 -6.03 -23.32
CA ARG A 591 -5.19 -6.62 -22.46
C ARG A 591 -4.09 -7.14 -23.38
N ALA A 592 -2.85 -6.68 -23.20
CA ALA A 592 -1.67 -7.11 -23.99
C ALA A 592 -1.34 -8.58 -23.69
N ALA A 593 -0.56 -9.24 -24.54
CA ALA A 593 -0.29 -10.70 -24.44
C ALA A 593 0.90 -10.93 -23.50
N ARG A 594 0.62 -11.48 -22.32
CA ARG A 594 1.61 -11.83 -21.26
C ARG A 594 2.42 -13.06 -21.66
N PRO A 595 3.77 -12.92 -21.67
CA PRO A 595 4.66 -14.07 -21.77
C PRO A 595 4.25 -15.09 -20.72
N VAL A 596 4.53 -16.36 -20.99
CA VAL A 596 4.27 -17.44 -20.00
C VAL A 596 5.57 -18.16 -19.68
N ILE A 597 5.84 -18.28 -18.38
CA ILE A 597 6.91 -19.15 -17.84
C ILE A 597 6.30 -20.55 -17.72
N SER A 598 6.51 -21.34 -18.78
CA SER A 598 5.98 -22.70 -19.06
C SER A 598 6.49 -23.68 -18.01
N ALA A 599 7.81 -23.63 -17.71
CA ALA A 599 8.54 -24.52 -16.77
C ALA A 599 9.60 -23.74 -15.98
N ILE A 600 9.69 -23.99 -14.67
CA ILE A 600 10.73 -23.45 -13.74
C ILE A 600 10.93 -24.50 -12.65
N SER A 601 12.16 -24.78 -12.23
CA SER A 601 12.45 -25.67 -11.07
C SER A 601 11.95 -24.99 -9.78
N ALA A 602 11.20 -25.72 -8.97
CA ALA A 602 10.78 -25.27 -7.62
C ALA A 602 12.00 -25.34 -6.68
N ASP A 603 13.16 -25.79 -7.17
CA ASP A 603 14.40 -25.92 -6.35
C ASP A 603 14.81 -24.53 -5.87
N PRO A 604 15.22 -24.39 -4.60
CA PRO A 604 15.86 -23.16 -4.15
C PRO A 604 17.13 -22.91 -4.96
N ILE A 605 17.45 -21.68 -5.35
CA ILE A 605 18.77 -21.32 -5.96
C ILE A 605 19.54 -20.39 -5.01
N LYS A 606 20.87 -20.47 -5.08
CA LYS A 606 21.86 -19.67 -4.31
C LYS A 606 22.35 -18.56 -5.21
N ALA A 607 22.94 -17.50 -4.64
CA ALA A 607 23.49 -16.36 -5.42
C ALA A 607 24.56 -16.88 -6.38
N GLY A 608 24.85 -16.15 -7.46
CA GLY A 608 25.88 -16.53 -8.46
C GLY A 608 25.46 -17.69 -9.35
N ALA A 609 24.48 -18.50 -8.93
CA ALA A 609 23.94 -19.64 -9.72
C ALA A 609 23.11 -19.12 -10.88
N THR A 610 22.67 -20.05 -11.72
CA THR A 610 22.07 -19.76 -13.04
C THR A 610 20.63 -20.27 -13.03
N LEU A 611 19.67 -19.36 -13.20
CA LEU A 611 18.23 -19.69 -13.27
C LEU A 611 17.88 -19.99 -14.73
N THR A 612 17.27 -21.16 -14.95
CA THR A 612 16.76 -21.63 -16.27
C THR A 612 15.27 -21.94 -16.11
N PHE A 613 14.48 -21.40 -17.03
CA PHE A 613 12.99 -21.49 -17.13
C PHE A 613 12.63 -21.38 -18.62
N THR A 614 11.47 -21.92 -19.02
CA THR A 614 11.04 -21.96 -20.45
C THR A 614 9.91 -20.92 -20.67
N VAL A 615 10.15 -19.92 -21.53
CA VAL A 615 9.18 -18.83 -21.87
C VAL A 615 8.56 -19.07 -23.26
N GLU A 616 7.23 -19.11 -23.33
CA GLU A 616 6.40 -19.17 -24.57
C GLU A 616 5.44 -17.96 -24.63
N GLY A 617 5.16 -17.45 -25.83
CA GLY A 617 4.12 -16.42 -26.06
C GLY A 617 4.69 -15.01 -26.11
N VAL A 618 5.94 -14.86 -26.59
CA VAL A 618 6.63 -13.54 -26.77
C VAL A 618 7.12 -13.41 -28.23
N GLU A 619 6.82 -12.27 -28.86
CA GLU A 619 7.41 -11.78 -30.14
C GLU A 619 8.72 -11.07 -29.81
N GLY A 620 9.86 -11.75 -30.02
CA GLY A 620 11.22 -11.23 -29.75
C GLY A 620 11.72 -11.77 -28.43
N GLN A 621 12.91 -11.33 -27.98
CA GLN A 621 13.55 -11.79 -26.73
C GLN A 621 12.90 -11.08 -25.51
N GLY A 622 12.39 -11.86 -24.57
CA GLY A 622 12.04 -11.38 -23.23
C GLY A 622 13.25 -10.85 -22.48
N THR A 623 13.02 -9.77 -21.71
CA THR A 623 13.78 -9.38 -20.49
C THR A 623 13.20 -10.09 -19.26
N ALA A 624 13.93 -10.12 -18.14
CA ALA A 624 13.41 -10.66 -16.87
C ALA A 624 13.85 -9.79 -15.68
N ALA A 625 13.13 -9.91 -14.55
CA ALA A 625 13.49 -9.28 -13.26
C ALA A 625 12.92 -10.12 -12.11
N LEU A 626 13.63 -10.16 -10.99
CA LEU A 626 13.18 -10.73 -9.70
C LEU A 626 12.71 -9.59 -8.80
N ILE A 627 11.52 -9.73 -8.21
CA ILE A 627 10.99 -8.75 -7.22
C ILE A 627 10.72 -9.51 -5.92
N ARG A 628 11.51 -9.24 -4.90
CA ARG A 628 11.34 -9.90 -3.59
C ARG A 628 9.91 -9.59 -3.13
N LEU A 629 9.25 -10.61 -2.59
CA LEU A 629 7.90 -10.52 -2.02
C LEU A 629 7.89 -9.39 -0.98
N GLY A 630 6.69 -8.90 -0.66
CA GLY A 630 6.40 -7.64 0.06
C GLY A 630 5.65 -7.92 1.34
N SER A 631 6.06 -7.21 2.39
CA SER A 631 5.33 -6.99 3.66
C SER A 631 5.15 -5.48 3.83
N VAL A 632 4.09 -5.00 4.45
CA VAL A 632 3.78 -3.53 4.38
C VAL A 632 2.89 -3.10 5.55
N THR A 633 3.20 -1.93 6.13
CA THR A 633 2.39 -1.20 7.14
C THR A 633 3.04 0.19 7.46
N HIS A 634 2.22 1.23 7.57
CA HIS A 634 2.65 2.58 8.04
C HIS A 634 3.63 3.22 7.03
N SER A 635 3.41 3.01 5.73
CA SER A 635 4.25 3.51 4.62
C SER A 635 5.65 2.83 4.67
N VAL A 636 5.70 1.61 5.20
CA VAL A 636 6.95 0.82 5.39
C VAL A 636 6.80 -0.59 4.79
N ASN A 637 7.63 -0.82 3.76
CA ASN A 637 7.80 -2.07 2.99
C ASN A 637 9.32 -2.29 2.91
N SER A 638 9.85 -3.04 3.86
CA SER A 638 11.31 -3.27 4.04
C SER A 638 11.71 -4.61 3.44
N ASP A 639 10.78 -5.35 2.82
CA ASP A 639 11.05 -6.70 2.25
C ASP A 639 11.07 -6.61 0.72
N GLN A 640 10.28 -5.73 0.08
CA GLN A 640 10.23 -5.62 -1.40
C GLN A 640 11.57 -5.06 -1.93
N ARG A 641 11.92 -5.32 -3.19
CA ARG A 641 13.25 -5.00 -3.80
C ARG A 641 13.28 -5.52 -5.24
N ARG A 642 13.74 -4.75 -6.19
CA ARG A 642 13.80 -5.24 -7.58
C ARG A 642 15.26 -5.51 -7.98
N VAL A 643 15.48 -6.73 -8.48
CA VAL A 643 16.78 -7.28 -8.92
C VAL A 643 16.63 -7.55 -10.42
N PRO A 644 17.06 -6.59 -11.27
CA PRO A 644 16.95 -6.74 -12.72
C PRO A 644 17.96 -7.77 -13.21
N LEU A 645 17.56 -8.62 -14.16
CA LEU A 645 18.39 -9.76 -14.63
C LEU A 645 18.86 -9.51 -16.07
N ASN A 646 20.02 -10.05 -16.43
CA ASN A 646 20.46 -10.23 -17.86
C ASN A 646 20.13 -11.67 -18.25
N VAL A 647 19.32 -11.83 -19.28
CA VAL A 647 18.87 -13.17 -19.77
C VAL A 647 19.59 -13.45 -21.12
N THR A 648 19.94 -14.70 -21.42
CA THR A 648 20.34 -15.17 -22.78
C THR A 648 19.44 -16.34 -23.18
N VAL A 649 18.73 -16.21 -24.31
CA VAL A 649 17.70 -17.16 -24.82
C VAL A 649 18.32 -17.98 -25.95
N SER A 650 18.17 -19.31 -25.88
CA SER A 650 18.33 -20.26 -27.02
C SER A 650 16.97 -20.90 -27.27
N GLY A 651 16.20 -20.37 -28.24
CA GLY A 651 14.82 -20.82 -28.56
C GLY A 651 13.81 -20.41 -27.51
N ASN A 652 13.11 -21.39 -26.92
CA ASN A 652 12.09 -21.19 -25.84
C ASN A 652 12.77 -21.16 -24.46
N GLU A 653 14.09 -21.35 -24.41
CA GLU A 653 14.85 -21.61 -23.15
C GLU A 653 15.65 -20.34 -22.75
N TYR A 654 15.26 -19.76 -21.62
CA TYR A 654 15.83 -18.53 -21.01
C TYR A 654 16.69 -18.93 -19.80
N SER A 655 17.82 -18.23 -19.65
CA SER A 655 18.90 -18.55 -18.67
C SER A 655 19.45 -17.24 -18.09
N ALA A 656 19.54 -17.13 -16.76
CA ALA A 656 19.96 -15.89 -16.09
C ALA A 656 21.02 -16.22 -15.03
N THR A 657 22.14 -15.49 -15.02
CA THR A 657 23.19 -15.57 -13.97
C THR A 657 22.85 -14.53 -12.89
N LEU A 658 22.28 -14.97 -11.74
CA LEU A 658 21.97 -14.12 -10.54
C LEU A 658 23.25 -13.48 -10.01
N PRO A 659 23.16 -12.26 -9.46
CA PRO A 659 24.34 -11.61 -8.87
C PRO A 659 25.08 -12.44 -7.81
N ASP A 660 26.40 -12.21 -7.74
CA ASP A 660 27.38 -12.86 -6.82
C ASP A 660 27.02 -12.53 -5.36
N ASP A 661 26.36 -11.38 -5.12
CA ASP A 661 26.26 -10.68 -3.80
C ASP A 661 24.84 -10.78 -3.21
N TYR A 662 24.74 -11.34 -2.01
CA TYR A 662 23.49 -11.43 -1.21
C TYR A 662 23.10 -10.06 -0.61
N GLY A 663 23.95 -9.04 -0.74
CA GLY A 663 23.57 -7.68 -0.33
C GLY A 663 22.62 -7.05 -1.33
N ILE A 664 22.63 -7.59 -2.56
CA ILE A 664 21.79 -7.19 -3.74
C ILE A 664 20.67 -8.22 -3.81
N LEU A 665 21.04 -9.49 -3.85
CA LEU A 665 20.06 -10.59 -3.90
C LEU A 665 19.80 -11.05 -2.46
N LEU A 666 19.11 -10.20 -1.66
CA LEU A 666 18.77 -10.57 -0.27
C LEU A 666 18.15 -11.96 -0.35
N PRO A 667 18.52 -12.91 0.53
CA PRO A 667 17.84 -14.21 0.55
C PRO A 667 16.33 -14.09 0.81
N GLY A 668 15.56 -15.10 0.38
CA GLY A 668 14.09 -15.16 0.52
C GLY A 668 13.36 -15.47 -0.77
N TYR A 669 12.02 -15.37 -0.77
CA TYR A 669 11.11 -15.72 -1.90
C TYR A 669 10.88 -14.49 -2.77
N TYR A 670 11.16 -14.63 -4.06
CA TYR A 670 11.04 -13.59 -5.11
C TYR A 670 9.93 -13.98 -6.10
N TYR A 671 9.45 -13.01 -6.85
CA TYR A 671 8.67 -13.14 -8.10
C TYR A 671 9.67 -13.13 -9.25
N LEU A 672 9.64 -14.13 -10.14
CA LEU A 672 10.31 -14.05 -11.47
C LEU A 672 9.26 -13.57 -12.46
N PHE A 673 9.51 -12.39 -13.07
CA PHE A 673 8.73 -11.79 -14.18
C PHE A 673 9.62 -11.82 -15.43
N VAL A 674 9.18 -12.56 -16.46
CA VAL A 674 9.63 -12.35 -17.86
C VAL A 674 8.58 -11.40 -18.41
N SER A 675 9.01 -10.38 -19.15
CA SER A 675 8.14 -9.35 -19.78
C SER A 675 8.56 -9.11 -21.24
N THR A 676 7.62 -8.77 -22.12
CA THR A 676 7.85 -8.54 -23.58
C THR A 676 8.69 -7.30 -23.76
N PRO A 677 9.33 -7.09 -24.92
CA PRO A 677 10.19 -5.93 -25.10
C PRO A 677 9.38 -4.62 -25.11
N GLN A 678 8.05 -4.68 -25.25
CA GLN A 678 7.14 -3.48 -25.22
C GLN A 678 6.83 -3.19 -23.75
N GLY A 679 7.19 -4.11 -22.86
CA GLY A 679 7.20 -3.93 -21.40
C GLY A 679 6.08 -4.69 -20.69
N THR A 680 5.45 -5.68 -21.33
CA THR A 680 4.30 -6.40 -20.74
C THR A 680 4.83 -7.60 -19.97
N PRO A 681 4.57 -7.66 -18.65
CA PRO A 681 5.03 -8.77 -17.82
C PRO A 681 4.18 -10.06 -17.75
N SER A 682 4.84 -11.19 -17.51
CA SER A 682 4.19 -12.50 -17.20
C SER A 682 3.46 -12.43 -15.88
N ILE A 683 2.54 -13.36 -15.64
CA ILE A 683 2.22 -13.80 -14.26
C ILE A 683 3.56 -14.35 -13.74
N ALA A 684 3.88 -14.12 -12.47
CA ALA A 684 5.20 -14.44 -11.89
C ALA A 684 5.25 -15.93 -11.53
N LYS A 685 6.46 -16.48 -11.45
CA LYS A 685 6.76 -17.79 -10.80
C LYS A 685 7.58 -17.52 -9.51
N THR A 686 7.13 -18.06 -8.39
CA THR A 686 7.82 -18.02 -7.07
C THR A 686 9.27 -18.50 -7.30
N VAL A 687 10.28 -17.75 -6.80
CA VAL A 687 11.73 -18.14 -6.80
C VAL A 687 12.33 -17.92 -5.39
N HIS A 688 12.92 -18.97 -4.83
CA HIS A 688 13.48 -19.02 -3.46
C HIS A 688 15.01 -18.90 -3.54
N VAL A 689 15.57 -17.75 -3.17
CA VAL A 689 17.03 -17.54 -3.00
C VAL A 689 17.43 -17.98 -1.58
N ILE A 690 18.42 -18.88 -1.44
CA ILE A 690 18.96 -19.38 -0.12
C ILE A 690 20.46 -19.11 -0.02
N LEU A 691 21.01 -19.30 1.19
CA LEU A 691 22.33 -18.78 1.65
C LEU A 691 23.43 -19.83 1.37
C1 PGE B . 8.04 18.81 -12.03
O1 PGE B . 8.20 18.56 -13.42
C2 PGE B . 8.86 19.99 -11.52
O2 PGE B . 9.90 19.56 -10.64
C3 PGE B . 10.29 20.53 -9.67
C4 PGE B . 11.57 20.12 -8.98
O4 PGE B . 15.61 18.44 -10.85
C6 PGE B . 14.69 19.50 -10.65
C5 PGE B . 13.78 19.28 -9.47
O3 PGE B . 12.41 19.39 -9.89
CU CU C . -0.50 3.75 13.71
#